data_7O56
#
_entry.id   7O56
#
_cell.length_a   77.880
_cell.length_b   112.440
_cell.length_c   140.660
_cell.angle_alpha   90.000
_cell.angle_beta   90.000
_cell.angle_gamma   90.000
#
_symmetry.space_group_name_H-M   'C 2 2 21'
#
loop_
_entity.id
_entity.type
_entity.pdbx_description
1 polymer 'Interferon regulatory factor 4'
2 polymer "DNA (5'-D(P*AP*AP*TP*AP*AP*AP*AP*GP*AP*AP*AP*CP*CP*GP*AP*AP*AP*GP*TP*AP*A)-3')"
3 polymer "DNA (5'-D(P*TP*TP*TP*AP*CP*TP*TP*TP*CP*GP*GP*TP*TP*TP*CP*TP*TP*TP*TP*AP*T)-3')"
#
loop_
_entity_poly.entity_id
_entity_poly.type
_entity_poly.pdbx_seq_one_letter_code
_entity_poly.pdbx_strand_id
1 'polypeptide(L)'
;MGSHHHHHHSAALEVLFQGPGGNGKLRQWLIDQIDSGKYPGLVWENEEKSIFRIPWKHAGKQDYNREEDAALFKAWALFK
GKFREGIDKPDPPTWKTRLRCALNKSNDFEELVERSQLDISDPYKVYRIVPEGAKKGAKQL
;
A,B,C
2 'polydeoxyribonucleotide'
;(DA)(DA)(DT)(DA)(DA)(DA)(DA)(DG)(DA)(DA)(DA)(DC)(DC)(DG)(DA)(DA)(DA)(DG)(DT)(DA)
(DA)
;
D
3 'polydeoxyribonucleotide'
;(DT)(DT)(DT)(DA)(DC)(DT)(DT)(DT)(DC)(DG)(DG)(DT)(DT)(DT)(DC)(DT)(DT)(DT)(DT)(DA)
(DT)
;
E
#
# COMPACT_ATOMS: atom_id res chain seq x y z
N ASN A 23 16.14 -5.69 4.83
CA ASN A 23 15.39 -6.70 4.09
C ASN A 23 15.79 -6.75 2.61
N GLY A 24 16.42 -5.67 2.15
CA GLY A 24 16.90 -5.64 0.79
C GLY A 24 18.19 -6.42 0.64
N LYS A 25 18.55 -6.66 -0.60
CA LYS A 25 19.80 -7.35 -0.90
C LYS A 25 20.78 -6.51 -1.73
N LEU A 26 20.35 -5.41 -2.35
CA LEU A 26 21.25 -4.78 -3.31
C LEU A 26 22.48 -4.24 -2.62
N ARG A 27 22.28 -3.48 -1.53
CA ARG A 27 23.37 -2.89 -0.78
C ARG A 27 24.45 -3.91 -0.41
N GLN A 28 24.09 -4.94 0.36
CA GLN A 28 25.14 -5.89 0.77
C GLN A 28 25.76 -6.57 -0.43
N TRP A 29 24.93 -6.93 -1.40
CA TRP A 29 25.43 -7.70 -2.53
C TRP A 29 26.46 -6.90 -3.30
N LEU A 30 26.14 -5.65 -3.62
CA LEU A 30 27.07 -4.87 -4.43
C LEU A 30 28.35 -4.57 -3.64
N ILE A 31 28.24 -4.25 -2.34
CA ILE A 31 29.43 -4.13 -1.50
C ILE A 31 30.32 -5.36 -1.60
N ASP A 32 29.69 -6.55 -1.61
CA ASP A 32 30.43 -7.81 -1.70
C ASP A 32 31.12 -7.96 -3.05
N GLN A 33 30.45 -7.56 -4.14
CA GLN A 33 31.09 -7.69 -5.44
C GLN A 33 32.30 -6.75 -5.57
N ILE A 34 32.22 -5.57 -4.96
CA ILE A 34 33.37 -4.66 -5.03
C ILE A 34 34.48 -5.20 -4.15
N ASP A 35 34.14 -5.69 -2.95
CA ASP A 35 35.15 -6.20 -2.03
C ASP A 35 35.84 -7.43 -2.57
N SER A 36 35.17 -8.16 -3.46
CA SER A 36 35.80 -9.18 -4.27
C SER A 36 36.55 -8.50 -5.40
N GLY A 37 37.57 -9.15 -5.90
CA GLY A 37 38.25 -8.52 -7.01
C GLY A 37 37.70 -9.01 -8.32
N LYS A 38 36.46 -9.50 -8.33
CA LYS A 38 36.02 -10.24 -9.50
C LYS A 38 35.87 -9.35 -10.73
N TYR A 39 35.38 -8.13 -10.55
CA TYR A 39 35.00 -7.29 -11.68
C TYR A 39 36.02 -6.16 -11.82
N PRO A 40 36.90 -6.20 -12.82
CA PRO A 40 37.90 -5.15 -12.94
C PRO A 40 37.25 -3.81 -13.25
N GLY A 41 37.66 -2.79 -12.49
CA GLY A 41 37.04 -1.48 -12.56
C GLY A 41 35.97 -1.24 -11.54
N LEU A 42 35.55 -2.30 -10.83
CA LEU A 42 34.60 -2.22 -9.74
C LEU A 42 35.46 -2.15 -8.48
N VAL A 43 35.85 -0.91 -8.13
CA VAL A 43 36.84 -0.65 -7.11
C VAL A 43 36.34 0.45 -6.18
N TRP A 44 36.85 0.44 -4.95
CA TRP A 44 36.58 1.55 -4.06
C TRP A 44 37.45 2.73 -4.45
N GLU A 45 36.91 3.93 -4.29
CA GLU A 45 37.73 5.08 -4.59
C GLU A 45 38.46 5.61 -3.38
N ASN A 46 37.93 5.35 -2.18
CA ASN A 46 38.54 5.75 -0.93
C ASN A 46 38.77 4.53 -0.04
N GLU A 47 39.47 4.74 1.06
CA GLU A 47 39.65 3.69 2.05
C GLU A 47 38.50 3.60 3.02
N GLU A 48 37.64 4.62 3.07
CA GLU A 48 36.50 4.63 3.96
C GLU A 48 35.31 3.81 3.42
N LYS A 49 35.45 3.21 2.24
CA LYS A 49 34.44 2.30 1.67
C LYS A 49 33.08 2.96 1.49
N SER A 50 33.08 4.24 1.09
CA SER A 50 31.84 5.00 0.89
C SER A 50 31.58 5.39 -0.54
N ILE A 51 32.61 5.45 -1.37
CA ILE A 51 32.49 5.86 -2.75
C ILE A 51 33.17 4.80 -3.59
N PHE A 52 32.55 4.44 -4.70
CA PHE A 52 33.12 3.42 -5.55
C PHE A 52 32.81 3.75 -7.01
N ARG A 53 33.47 3.00 -7.87
CA ARG A 53 33.47 3.20 -9.31
C ARG A 53 32.84 1.96 -9.93
N ILE A 54 31.92 2.13 -10.87
CA ILE A 54 31.27 0.99 -11.50
C ILE A 54 31.34 1.10 -13.01
N PRO A 55 32.00 0.16 -13.70
CA PRO A 55 32.17 0.27 -15.14
C PRO A 55 30.83 0.33 -15.86
N TRP A 56 30.77 1.22 -16.86
CA TRP A 56 29.51 1.53 -17.50
C TRP A 56 29.78 1.76 -18.98
N LYS A 57 30.04 0.67 -19.69
CA LYS A 57 30.42 0.79 -21.09
C LYS A 57 29.20 0.55 -21.95
N HIS A 58 29.07 1.37 -22.98
CA HIS A 58 28.00 1.23 -23.94
C HIS A 58 28.26 -0.03 -24.75
N ALA A 59 27.23 -0.83 -24.96
CA ALA A 59 27.41 -2.12 -25.62
C ALA A 59 27.88 -1.97 -27.06
N GLY A 60 27.72 -0.81 -27.69
CA GLY A 60 28.13 -0.62 -29.07
C GLY A 60 29.61 -0.39 -29.28
N LYS A 61 30.31 0.05 -28.23
CA LYS A 61 31.73 0.37 -28.32
C LYS A 61 32.56 -0.84 -28.75
N GLN A 62 33.71 -0.54 -29.34
CA GLN A 62 34.60 -1.57 -29.83
C GLN A 62 35.36 -2.21 -28.69
N ASP A 63 35.70 -1.42 -27.66
CA ASP A 63 36.39 -1.97 -26.50
C ASP A 63 35.53 -3.02 -25.79
N TYR A 64 34.21 -2.94 -25.94
CA TYR A 64 33.25 -3.86 -25.29
C TYR A 64 33.48 -5.32 -25.66
N ASN A 65 33.68 -6.16 -24.65
CA ASN A 65 33.46 -7.60 -24.80
C ASN A 65 32.31 -8.06 -23.88
N ARG A 66 31.50 -8.96 -24.40
CA ARG A 66 30.31 -9.36 -23.67
C ARG A 66 30.64 -9.98 -22.33
N GLU A 67 31.73 -10.74 -22.24
CA GLU A 67 31.96 -11.43 -20.97
C GLU A 67 32.17 -10.45 -19.86
N GLU A 68 33.29 -9.74 -19.96
CA GLU A 68 33.82 -8.98 -18.83
C GLU A 68 32.95 -7.77 -18.53
N ASP A 69 32.40 -7.14 -19.56
CA ASP A 69 31.63 -5.93 -19.30
C ASP A 69 30.21 -6.22 -18.88
N ALA A 70 29.59 -7.30 -19.37
CA ALA A 70 28.24 -7.62 -18.90
C ALA A 70 28.23 -8.46 -17.63
N ALA A 71 29.40 -8.87 -17.12
CA ALA A 71 29.45 -9.79 -16.00
C ALA A 71 28.72 -9.25 -14.78
N LEU A 72 28.91 -7.99 -14.45
CA LEU A 72 28.27 -7.51 -13.22
C LEU A 72 26.74 -7.51 -13.34
N PHE A 73 26.23 -7.11 -14.52
CA PHE A 73 24.78 -7.11 -14.69
C PHE A 73 24.24 -8.53 -14.70
N LYS A 74 24.91 -9.40 -15.42
CA LYS A 74 24.50 -10.79 -15.39
C LYS A 74 24.52 -11.33 -13.97
N ALA A 75 25.53 -10.93 -13.19
CA ALA A 75 25.62 -11.44 -11.82
C ALA A 75 24.39 -11.02 -11.02
N TRP A 76 23.96 -9.75 -11.16
CA TRP A 76 22.75 -9.37 -10.44
C TRP A 76 21.54 -10.19 -10.88
N ALA A 77 21.39 -10.42 -12.19
CA ALA A 77 20.25 -11.25 -12.65
C ALA A 77 20.37 -12.70 -12.17
N LEU A 78 21.58 -13.22 -12.06
CA LEU A 78 21.73 -14.59 -11.53
C LEU A 78 21.38 -14.61 -10.06
N PHE A 79 21.87 -13.62 -9.32
CA PHE A 79 21.69 -13.59 -7.88
C PHE A 79 20.23 -13.42 -7.50
N LYS A 80 19.52 -12.55 -8.18
CA LYS A 80 18.08 -12.62 -8.00
C LYS A 80 17.59 -13.78 -8.86
N GLY A 81 16.34 -14.18 -8.69
CA GLY A 81 16.09 -15.38 -9.48
C GLY A 81 16.01 -15.17 -11.00
N LYS A 82 16.30 -13.97 -11.52
CA LYS A 82 15.76 -13.57 -12.82
C LYS A 82 16.35 -14.38 -13.97
N PHE A 83 17.64 -14.67 -13.94
CA PHE A 83 18.27 -15.34 -15.05
C PHE A 83 18.82 -16.66 -14.54
N ARG A 84 18.53 -17.74 -15.29
CA ARG A 84 18.95 -19.06 -14.93
C ARG A 84 19.71 -19.64 -16.11
N GLU A 85 20.99 -19.95 -15.87
CA GLU A 85 21.90 -20.36 -16.93
C GLU A 85 21.43 -21.66 -17.52
N GLY A 86 21.20 -21.68 -18.82
CA GLY A 86 20.74 -22.89 -19.47
C GLY A 86 19.24 -23.05 -19.48
N ILE A 87 18.52 -22.26 -18.71
CA ILE A 87 17.07 -22.34 -18.74
C ILE A 87 16.54 -21.16 -19.55
N ASP A 88 17.22 -20.01 -19.50
CA ASP A 88 16.66 -18.80 -20.08
C ASP A 88 17.58 -18.27 -21.19
N LYS A 89 16.98 -17.61 -22.22
CA LYS A 89 17.79 -16.98 -23.28
C LYS A 89 18.41 -15.66 -22.79
N PRO A 90 19.72 -15.47 -22.98
CA PRO A 90 20.38 -14.28 -22.43
C PRO A 90 19.98 -13.01 -23.19
N ASP A 91 19.75 -11.94 -22.43
CA ASP A 91 19.49 -10.60 -22.98
C ASP A 91 20.24 -9.58 -22.15
N PRO A 92 21.48 -9.29 -22.50
CA PRO A 92 22.36 -8.44 -21.65
C PRO A 92 21.84 -7.03 -21.42
N PRO A 93 21.27 -6.34 -22.43
CA PRO A 93 20.74 -5.00 -22.13
C PRO A 93 19.73 -5.02 -21.00
N THR A 94 18.90 -6.04 -20.95
CA THR A 94 17.97 -6.18 -19.85
C THR A 94 18.69 -6.21 -18.51
N TRP A 95 19.81 -6.96 -18.43
CA TRP A 95 20.56 -7.04 -17.18
C TRP A 95 21.03 -5.67 -16.76
N LYS A 96 21.55 -4.90 -17.72
CA LYS A 96 22.04 -3.55 -17.43
C LYS A 96 20.91 -2.64 -16.96
N THR A 97 19.77 -2.68 -17.66
CA THR A 97 18.62 -1.88 -17.26
C THR A 97 18.21 -2.19 -15.84
N ARG A 98 18.22 -3.47 -15.46
CA ARG A 98 17.80 -3.79 -14.11
C ARG A 98 18.70 -3.10 -13.09
N LEU A 99 20.01 -3.20 -13.29
CA LEU A 99 20.90 -2.64 -12.29
C LEU A 99 20.84 -1.12 -12.31
N ARG A 100 20.78 -0.52 -13.49
CA ARG A 100 20.68 0.94 -13.56
C ARG A 100 19.46 1.43 -12.79
N CYS A 101 18.29 0.89 -13.15
CA CYS A 101 17.06 1.30 -12.50
C CYS A 101 17.08 1.01 -11.01
N ALA A 102 17.64 -0.13 -10.65
CA ALA A 102 17.78 -0.47 -9.23
C ALA A 102 18.69 0.55 -8.54
N LEU A 103 19.83 0.91 -9.16
CA LEU A 103 20.70 1.91 -8.57
C LEU A 103 19.97 3.24 -8.43
N ASN A 104 19.26 3.66 -9.48
CA ASN A 104 18.57 4.95 -9.43
C ASN A 104 17.59 5.00 -8.27
N LYS A 105 16.80 3.96 -8.11
CA LYS A 105 15.68 4.00 -7.18
C LYS A 105 16.14 3.84 -5.73
N SER A 106 17.29 3.21 -5.50
CA SER A 106 17.64 2.86 -4.14
C SER A 106 18.06 4.10 -3.34
N ASN A 107 17.48 4.23 -2.15
CA ASN A 107 17.95 5.18 -1.16
C ASN A 107 19.33 4.85 -0.64
N ASP A 108 19.86 3.66 -0.95
CA ASP A 108 21.20 3.37 -0.46
C ASP A 108 22.31 3.95 -1.34
N PHE A 109 22.00 4.42 -2.54
CA PHE A 109 23.04 4.78 -3.51
C PHE A 109 22.73 6.12 -4.12
N GLU A 110 23.77 6.93 -4.32
CA GLU A 110 23.63 8.27 -4.85
C GLU A 110 24.71 8.45 -5.92
N GLU A 111 24.30 8.71 -7.17
CA GLU A 111 25.31 8.86 -8.22
C GLU A 111 26.01 10.21 -8.08
N LEU A 112 27.35 10.18 -8.08
CA LEU A 112 28.10 11.42 -8.08
C LEU A 112 28.32 11.84 -9.53
N VAL A 113 27.31 12.52 -10.07
CA VAL A 113 27.27 12.82 -11.49
C VAL A 113 28.41 13.72 -11.95
N GLU A 114 29.02 14.49 -11.05
CA GLU A 114 30.19 15.26 -11.45
C GLU A 114 31.46 14.42 -11.47
N ARG A 115 31.43 13.19 -10.97
CA ARG A 115 32.63 12.36 -10.99
C ARG A 115 32.57 11.24 -12.02
N SER A 116 31.44 11.05 -12.70
CA SER A 116 31.34 9.98 -13.68
C SER A 116 32.18 10.30 -14.91
N GLN A 117 32.80 9.26 -15.48
CA GLN A 117 33.62 9.33 -16.67
C GLN A 117 33.02 8.33 -17.68
N LEU A 118 32.15 8.82 -18.55
CA LEU A 118 31.47 7.96 -19.50
C LEU A 118 32.02 8.05 -20.91
N ASP A 119 32.81 9.06 -21.24
CA ASP A 119 33.28 9.29 -22.60
C ASP A 119 34.78 9.02 -22.71
N ILE A 120 35.26 8.01 -22.01
CA ILE A 120 36.63 7.54 -22.09
C ILE A 120 36.62 6.05 -22.44
N SER A 121 37.79 5.53 -22.79
CA SER A 121 37.95 4.09 -22.79
C SER A 121 37.94 3.61 -21.35
N ASP A 122 37.36 2.45 -21.11
CA ASP A 122 37.07 1.99 -19.75
C ASP A 122 36.23 3.00 -18.98
N PRO A 123 35.08 3.41 -19.51
CA PRO A 123 34.28 4.42 -18.82
C PRO A 123 33.61 3.85 -17.57
N TYR A 124 33.23 4.74 -16.67
CA TYR A 124 32.59 4.32 -15.43
C TYR A 124 31.68 5.41 -14.89
N LYS A 125 30.87 5.01 -13.92
CA LYS A 125 30.03 5.89 -13.14
C LYS A 125 30.54 5.89 -11.71
N VAL A 126 30.23 6.94 -10.96
CA VAL A 126 30.71 7.05 -9.60
C VAL A 126 29.49 7.11 -8.68
N TYR A 127 29.52 6.32 -7.61
CA TYR A 127 28.40 6.22 -6.69
C TYR A 127 28.85 6.32 -5.25
N ARG A 128 27.98 6.91 -4.42
CA ARG A 128 28.18 6.98 -3.00
C ARG A 128 27.18 6.09 -2.31
N ILE A 129 27.63 5.37 -1.30
CA ILE A 129 26.72 4.57 -0.48
C ILE A 129 26.30 5.48 0.68
N VAL A 130 25.03 5.85 0.72
CA VAL A 130 24.52 6.70 1.77
C VAL A 130 24.62 5.97 3.11
N PRO A 131 25.10 6.60 4.17
CA PRO A 131 25.01 5.97 5.49
C PRO A 131 23.56 5.97 5.99
N GLU A 132 23.26 5.04 6.88
CA GLU A 132 21.92 5.00 7.41
C GLU A 132 21.67 6.26 8.26
N GLY A 133 20.41 6.49 8.60
CA GLY A 133 20.06 7.70 9.35
C GLY A 133 20.35 7.59 10.85
N ALA A 134 20.47 8.76 11.50
CA ALA A 134 20.76 8.84 12.93
C ALA A 134 19.54 8.45 13.77
N LYS A 135 18.52 9.32 13.81
CA LYS A 135 17.36 9.11 14.68
C LYS A 135 16.23 8.37 13.98
N LYS A 136 15.22 8.02 14.77
CA LYS A 136 13.95 7.56 14.24
C LYS A 136 12.87 8.60 14.56
N GLY D 24 -16.48 -9.10 5.36
CA GLY D 24 -16.14 -9.35 3.98
C GLY D 24 -17.09 -8.73 2.98
N LYS D 25 -16.63 -7.75 2.16
CA LYS D 25 -17.48 -7.19 1.12
C LYS D 25 -17.00 -7.50 -0.29
N LEU D 26 -15.75 -7.90 -0.47
CA LEU D 26 -15.20 -8.05 -1.81
C LEU D 26 -15.87 -9.22 -2.53
N ARG D 27 -16.01 -10.36 -1.86
CA ARG D 27 -16.60 -11.53 -2.51
C ARG D 27 -17.91 -11.16 -3.18
N GLN D 28 -18.89 -10.66 -2.40
CA GLN D 28 -20.18 -10.31 -3.00
C GLN D 28 -20.06 -9.18 -4.00
N TRP D 29 -19.25 -8.16 -3.68
CA TRP D 29 -19.19 -6.98 -4.53
C TRP D 29 -18.68 -7.34 -5.91
N LEU D 30 -17.62 -8.13 -5.96
CA LEU D 30 -17.05 -8.50 -7.25
C LEU D 30 -17.98 -9.42 -8.03
N ILE D 31 -18.56 -10.41 -7.35
CA ILE D 31 -19.56 -11.25 -8.00
C ILE D 31 -20.63 -10.37 -8.65
N ASP D 32 -21.05 -9.33 -7.94
CA ASP D 32 -22.04 -8.41 -8.48
C ASP D 32 -21.51 -7.61 -9.66
N GLN D 33 -20.24 -7.20 -9.62
CA GLN D 33 -19.72 -6.41 -10.74
C GLN D 33 -19.62 -7.25 -12.01
N ILE D 34 -19.36 -8.56 -11.87
CA ILE D 34 -19.31 -9.41 -13.04
C ILE D 34 -20.70 -9.62 -13.59
N ASP D 35 -21.69 -9.83 -12.69
CA ASP D 35 -23.05 -10.07 -13.15
C ASP D 35 -23.64 -8.88 -13.87
N SER D 36 -23.19 -7.67 -13.56
CA SER D 36 -23.55 -6.55 -14.39
C SER D 36 -22.73 -6.63 -15.66
N GLY D 37 -23.31 -6.11 -16.75
CA GLY D 37 -22.54 -6.10 -17.97
C GLY D 37 -21.75 -4.81 -18.04
N LYS D 38 -21.55 -4.16 -16.89
CA LYS D 38 -21.05 -2.80 -16.88
C LYS D 38 -19.64 -2.70 -17.42
N TYR D 39 -18.76 -3.62 -17.05
CA TYR D 39 -17.35 -3.44 -17.35
C TYR D 39 -16.98 -4.39 -18.47
N PRO D 40 -16.74 -3.90 -19.68
CA PRO D 40 -16.48 -4.81 -20.81
C PRO D 40 -15.20 -5.60 -20.59
N GLY D 41 -15.31 -6.92 -20.72
CA GLY D 41 -14.22 -7.82 -20.40
C GLY D 41 -14.28 -8.42 -19.01
N LEU D 42 -15.20 -7.97 -18.16
CA LEU D 42 -15.36 -8.57 -16.83
C LEU D 42 -16.51 -9.58 -16.95
N VAL D 43 -16.16 -10.78 -17.45
CA VAL D 43 -17.17 -11.74 -17.88
C VAL D 43 -16.90 -13.11 -17.25
N TRP D 44 -17.96 -13.91 -17.18
CA TRP D 44 -17.87 -15.29 -16.78
C TRP D 44 -17.33 -16.13 -17.92
N GLU D 45 -16.57 -17.15 -17.55
CA GLU D 45 -16.04 -18.09 -18.53
C GLU D 45 -16.85 -19.39 -18.61
N ASN D 46 -17.55 -19.75 -17.54
CA ASN D 46 -18.33 -20.97 -17.43
C ASN D 46 -19.78 -20.64 -17.08
N GLU D 47 -20.63 -21.67 -17.11
CA GLU D 47 -22.01 -21.52 -16.68
C GLU D 47 -22.22 -21.79 -15.19
N GLU D 48 -21.27 -22.42 -14.51
CA GLU D 48 -21.42 -22.67 -13.08
C GLU D 48 -21.05 -21.46 -12.23
N LYS D 49 -20.59 -20.37 -12.84
CA LYS D 49 -20.24 -19.14 -12.15
C LYS D 49 -19.18 -19.35 -11.07
N SER D 50 -18.14 -20.11 -11.42
CA SER D 50 -17.02 -20.31 -10.53
C SER D 50 -15.73 -19.64 -11.03
N ILE D 51 -15.63 -19.37 -12.32
CA ILE D 51 -14.42 -18.84 -12.94
C ILE D 51 -14.80 -17.62 -13.76
N PHE D 52 -13.94 -16.58 -13.72
CA PHE D 52 -14.18 -15.38 -14.49
C PHE D 52 -12.88 -14.73 -14.96
N ARG D 53 -13.07 -13.75 -15.84
CA ARG D 53 -12.05 -13.03 -16.58
C ARG D 53 -12.10 -11.59 -16.12
N ILE D 54 -10.94 -11.01 -15.81
CA ILE D 54 -10.85 -9.64 -15.32
C ILE D 54 -9.81 -8.89 -16.13
N PRO D 55 -10.18 -7.83 -16.84
CA PRO D 55 -9.23 -7.18 -17.75
C PRO D 55 -8.02 -6.68 -16.99
N TRP D 56 -6.87 -6.83 -17.59
CA TRP D 56 -5.66 -6.49 -16.84
C TRP D 56 -4.61 -5.93 -17.81
N LYS D 57 -4.77 -4.68 -18.19
CA LYS D 57 -3.89 -4.00 -19.12
C LYS D 57 -2.91 -3.09 -18.36
N HIS D 58 -1.68 -3.02 -18.83
CA HIS D 58 -0.72 -2.06 -18.28
C HIS D 58 -1.11 -0.65 -18.67
N ALA D 59 -1.11 0.27 -17.70
CA ALA D 59 -1.61 1.64 -17.91
C ALA D 59 -0.81 2.41 -18.94
N GLY D 60 0.42 1.98 -19.24
CA GLY D 60 1.21 2.66 -20.26
C GLY D 60 0.88 2.28 -21.69
N LYS D 61 0.26 1.11 -21.92
CA LYS D 61 -0.04 0.63 -23.26
C LYS D 61 -0.89 1.67 -24.03
N GLN D 62 -0.88 1.52 -25.35
CA GLN D 62 -1.57 2.47 -26.25
C GLN D 62 -3.07 2.25 -26.26
N ASP D 63 -3.53 0.99 -26.23
CA ASP D 63 -4.96 0.68 -26.23
C ASP D 63 -5.64 1.25 -24.99
N TYR D 64 -4.90 1.36 -23.89
CA TYR D 64 -5.43 1.82 -22.62
C TYR D 64 -6.10 3.18 -22.74
N ASN D 65 -7.36 3.26 -22.32
CA ASN D 65 -8.05 4.51 -22.03
C ASN D 65 -8.35 4.59 -20.53
N ARG D 66 -8.15 5.78 -19.97
CA ARG D 66 -8.22 5.89 -18.52
C ARG D 66 -9.59 5.53 -18.00
N GLU D 67 -10.63 5.94 -18.71
CA GLU D 67 -11.98 5.75 -18.19
C GLU D 67 -12.35 4.28 -18.14
N GLU D 68 -12.32 3.62 -19.29
CA GLU D 68 -12.91 2.30 -19.40
C GLU D 68 -12.11 1.25 -18.64
N ASP D 69 -10.79 1.29 -18.69
CA ASP D 69 -10.01 0.23 -18.09
C ASP D 69 -9.83 0.41 -16.58
N ALA D 70 -9.76 1.65 -16.12
CA ALA D 70 -9.64 1.86 -14.69
C ALA D 70 -10.99 1.83 -13.99
N ALA D 71 -12.08 1.69 -14.75
CA ALA D 71 -13.41 1.84 -14.18
C ALA D 71 -13.64 0.86 -13.04
N LEU D 72 -13.22 -0.40 -13.22
CA LEU D 72 -13.46 -1.39 -12.17
C LEU D 72 -12.69 -1.05 -10.91
N PHE D 73 -11.41 -0.72 -11.05
CA PHE D 73 -10.61 -0.33 -9.89
C PHE D 73 -11.17 0.94 -9.28
N LYS D 74 -11.57 1.89 -10.12
CA LYS D 74 -12.24 3.09 -9.65
C LYS D 74 -13.49 2.74 -8.86
N ALA D 75 -14.24 1.75 -9.34
CA ALA D 75 -15.45 1.35 -8.64
C ALA D 75 -15.14 0.80 -7.27
N TRP D 76 -14.10 -0.03 -7.15
CA TRP D 76 -13.73 -0.55 -5.84
C TRP D 76 -13.33 0.58 -4.89
N ALA D 77 -12.58 1.55 -5.41
CA ALA D 77 -12.17 2.67 -4.59
C ALA D 77 -13.37 3.48 -4.12
N LEU D 78 -14.40 3.58 -4.96
CA LEU D 78 -15.62 4.27 -4.56
C LEU D 78 -16.40 3.48 -3.52
N PHE D 79 -16.59 2.18 -3.78
CA PHE D 79 -17.44 1.38 -2.90
C PHE D 79 -16.82 1.27 -1.50
N LYS D 80 -15.51 1.12 -1.42
CA LYS D 80 -14.92 1.36 -0.12
C LYS D 80 -14.78 2.88 0.05
N GLY D 81 -14.51 3.32 1.27
CA GLY D 81 -14.48 4.77 1.42
C GLY D 81 -13.30 5.48 0.79
N LYS D 82 -12.45 4.75 0.06
CA LYS D 82 -11.11 5.24 -0.25
C LYS D 82 -11.11 6.39 -1.25
N PHE D 83 -12.01 6.38 -2.22
CA PHE D 83 -12.12 7.47 -3.20
C PHE D 83 -13.50 8.08 -3.22
N ARG D 84 -13.55 9.41 -3.27
CA ARG D 84 -14.78 10.20 -3.33
C ARG D 84 -14.72 11.12 -4.54
N GLU D 85 -15.70 10.99 -5.45
CA GLU D 85 -15.69 11.72 -6.70
C GLU D 85 -15.81 13.22 -6.43
N GLY D 86 -14.81 13.97 -6.86
CA GLY D 86 -14.79 15.38 -6.62
C GLY D 86 -14.15 15.83 -5.33
N ILE D 87 -13.87 14.93 -4.40
CA ILE D 87 -13.17 15.31 -3.18
C ILE D 87 -11.71 14.89 -3.21
N ASP D 88 -11.38 13.78 -3.87
CA ASP D 88 -10.04 13.22 -3.86
C ASP D 88 -9.47 13.30 -5.27
N LYS D 89 -8.16 13.42 -5.34
CA LYS D 89 -7.50 13.42 -6.64
C LYS D 89 -7.46 11.99 -7.17
N PRO D 90 -7.80 11.76 -8.43
CA PRO D 90 -7.86 10.38 -8.93
C PRO D 90 -6.47 9.79 -9.04
N ASP D 91 -6.33 8.55 -8.59
CA ASP D 91 -5.08 7.81 -8.69
C ASP D 91 -5.39 6.39 -9.17
N PRO D 92 -5.45 6.17 -10.48
CA PRO D 92 -5.74 4.84 -10.99
C PRO D 92 -4.68 3.83 -10.58
N PRO D 93 -3.38 4.17 -10.63
CA PRO D 93 -2.39 3.18 -10.17
C PRO D 93 -2.63 2.69 -8.75
N THR D 94 -2.95 3.56 -7.81
CA THR D 94 -3.26 3.10 -6.47
C THR D 94 -4.53 2.26 -6.46
N TRP D 95 -5.51 2.63 -7.27
CA TRP D 95 -6.71 1.80 -7.38
C TRP D 95 -6.35 0.40 -7.84
N LYS D 96 -5.53 0.30 -8.88
CA LYS D 96 -5.13 -1.01 -9.40
C LYS D 96 -4.39 -1.82 -8.33
N THR D 97 -3.44 -1.19 -7.63
CA THR D 97 -2.69 -1.90 -6.60
C THR D 97 -3.61 -2.45 -5.51
N ARG D 98 -4.57 -1.65 -5.05
CA ARG D 98 -5.42 -2.13 -3.97
C ARG D 98 -6.21 -3.35 -4.40
N LEU D 99 -6.75 -3.32 -5.61
CA LEU D 99 -7.54 -4.46 -6.02
C LEU D 99 -6.65 -5.68 -6.18
N ARG D 100 -5.48 -5.51 -6.83
CA ARG D 100 -4.57 -6.62 -6.99
C ARG D 100 -4.24 -7.26 -5.65
N CYS D 101 -3.73 -6.45 -4.72
CA CYS D 101 -3.33 -6.99 -3.43
C CYS D 101 -4.51 -7.63 -2.70
N ALA D 102 -5.70 -7.03 -2.81
CA ALA D 102 -6.87 -7.63 -2.18
C ALA D 102 -7.10 -9.04 -2.71
N LEU D 103 -7.08 -9.19 -4.05
CA LEU D 103 -7.31 -10.51 -4.61
C LEU D 103 -6.29 -11.49 -4.08
N ASN D 104 -5.03 -11.08 -4.02
CA ASN D 104 -3.97 -11.99 -3.60
C ASN D 104 -4.24 -12.54 -2.20
N LYS D 105 -4.55 -11.68 -1.22
CA LYS D 105 -4.73 -12.15 0.16
C LYS D 105 -6.04 -12.91 0.35
N SER D 106 -7.06 -12.57 -0.44
CA SER D 106 -8.36 -13.23 -0.37
C SER D 106 -8.24 -14.75 -0.36
N ASN D 107 -8.84 -15.36 0.67
CA ASN D 107 -9.18 -16.78 0.62
C ASN D 107 -10.40 -17.06 -0.24
N ASP D 108 -11.17 -16.03 -0.59
CA ASP D 108 -12.32 -16.18 -1.45
C ASP D 108 -11.92 -16.23 -2.93
N PHE D 109 -10.67 -15.89 -3.26
CA PHE D 109 -10.26 -15.87 -4.66
C PHE D 109 -8.89 -16.48 -4.89
N GLU D 110 -8.81 -17.28 -5.95
CA GLU D 110 -7.65 -18.07 -6.32
C GLU D 110 -7.45 -17.87 -7.81
N GLU D 111 -6.30 -17.33 -8.20
CA GLU D 111 -6.00 -17.11 -9.62
C GLU D 111 -5.57 -18.40 -10.31
N LEU D 112 -6.19 -18.70 -11.46
CA LEU D 112 -5.79 -19.79 -12.35
C LEU D 112 -4.72 -19.28 -13.31
N VAL D 113 -3.46 -19.31 -12.86
CA VAL D 113 -2.34 -18.70 -13.58
C VAL D 113 -2.07 -19.35 -14.93
N GLU D 114 -2.47 -20.60 -15.11
CA GLU D 114 -2.31 -21.30 -16.36
C GLU D 114 -3.33 -20.85 -17.41
N ARG D 115 -4.29 -19.99 -17.03
CA ARG D 115 -5.25 -19.50 -17.99
C ARG D 115 -5.09 -18.01 -18.28
N SER D 116 -4.31 -17.30 -17.49
CA SER D 116 -4.23 -15.87 -17.67
C SER D 116 -3.55 -15.53 -18.98
N GLN D 117 -3.99 -14.42 -19.58
CA GLN D 117 -3.48 -13.99 -20.86
C GLN D 117 -3.03 -12.55 -20.64
N LEU D 118 -1.75 -12.34 -20.35
CA LEU D 118 -1.29 -10.99 -20.11
C LEU D 118 -0.58 -10.40 -21.31
N ASP D 119 -0.13 -11.21 -22.24
CA ASP D 119 0.67 -10.71 -23.34
C ASP D 119 -0.07 -10.82 -24.67
N ILE D 120 -1.35 -10.51 -24.65
CA ILE D 120 -2.16 -10.40 -25.84
C ILE D 120 -2.71 -8.99 -25.86
N SER D 121 -3.25 -8.58 -27.00
CA SER D 121 -4.05 -7.37 -26.99
C SER D 121 -5.35 -7.65 -26.22
N ASP D 122 -5.80 -6.67 -25.45
CA ASP D 122 -6.88 -6.88 -24.49
C ASP D 122 -6.53 -7.98 -23.49
N PRO D 123 -5.44 -7.84 -22.74
CA PRO D 123 -5.07 -8.88 -21.77
C PRO D 123 -5.99 -8.91 -20.56
N TYR D 124 -5.99 -10.06 -19.88
CA TYR D 124 -6.82 -10.23 -18.68
C TYR D 124 -6.22 -11.31 -17.79
N LYS D 125 -6.73 -11.39 -16.56
CA LYS D 125 -6.40 -12.44 -15.61
C LYS D 125 -7.62 -13.33 -15.41
N VAL D 126 -7.37 -14.56 -14.95
CA VAL D 126 -8.44 -15.52 -14.71
C VAL D 126 -8.42 -15.91 -13.23
N TYR D 127 -9.59 -15.85 -12.60
CA TYR D 127 -9.72 -16.16 -11.17
C TYR D 127 -10.86 -17.16 -10.97
N ARG D 128 -10.66 -18.09 -10.03
CA ARG D 128 -11.65 -19.07 -9.66
C ARG D 128 -12.15 -18.73 -8.26
N ILE D 129 -13.46 -18.85 -8.04
CA ILE D 129 -14.08 -18.53 -6.76
C ILE D 129 -14.02 -19.73 -5.83
N VAL D 130 -13.33 -19.58 -4.72
CA VAL D 130 -13.28 -20.66 -3.73
C VAL D 130 -14.67 -20.86 -3.15
N PRO D 131 -15.23 -22.07 -3.19
CA PRO D 131 -16.46 -22.31 -2.43
C PRO D 131 -16.13 -22.38 -0.95
N GLU D 132 -17.12 -22.01 -0.14
CA GLU D 132 -16.94 -21.93 1.28
C GLU D 132 -16.74 -23.30 1.90
N GLY E 21 -17.32 -1.20 37.80
CA GLY E 21 -17.61 -1.48 36.40
C GLY E 21 -18.62 -2.57 36.17
N GLY E 22 -19.71 -2.28 35.47
CA GLY E 22 -20.75 -3.28 35.27
C GLY E 22 -21.70 -2.90 34.16
N ASN E 23 -22.85 -3.57 34.16
CA ASN E 23 -23.81 -3.49 33.07
C ASN E 23 -24.72 -2.27 33.22
N GLY E 24 -25.19 -1.77 32.09
CA GLY E 24 -26.15 -0.68 32.09
C GLY E 24 -25.59 0.66 32.49
N LYS E 25 -24.35 0.97 32.09
CA LYS E 25 -23.76 2.25 32.36
C LYS E 25 -23.46 3.04 31.11
N LEU E 26 -23.41 2.39 29.94
CA LEU E 26 -22.91 3.03 28.74
C LEU E 26 -23.86 4.10 28.20
N ARG E 27 -25.13 3.75 28.00
CA ARG E 27 -26.12 4.65 27.39
C ARG E 27 -26.15 6.02 28.08
N GLN E 28 -26.50 6.03 29.37
CA GLN E 28 -26.66 7.30 30.07
C GLN E 28 -25.35 8.07 30.15
N TRP E 29 -24.23 7.37 30.33
CA TRP E 29 -22.94 8.04 30.49
C TRP E 29 -22.59 8.82 29.22
N LEU E 30 -22.75 8.19 28.06
CA LEU E 30 -22.42 8.86 26.80
C LEU E 30 -23.34 10.04 26.52
N ILE E 31 -24.64 9.87 26.79
CA ILE E 31 -25.58 10.98 26.70
C ILE E 31 -25.10 12.16 27.54
N ASP E 32 -24.57 11.86 28.74
CA ASP E 32 -24.07 12.92 29.62
C ASP E 32 -22.85 13.62 29.01
N GLN E 33 -21.97 12.85 28.35
CA GLN E 33 -20.77 13.42 27.73
C GLN E 33 -21.10 14.27 26.51
N ILE E 34 -22.19 13.95 25.80
CA ILE E 34 -22.60 14.80 24.68
C ILE E 34 -23.22 16.08 25.20
N ASP E 35 -24.08 15.98 26.22
CA ASP E 35 -24.77 17.15 26.74
C ASP E 35 -23.81 18.17 27.37
N SER E 36 -22.66 17.72 27.87
CA SER E 36 -21.59 18.62 28.24
C SER E 36 -20.77 19.01 27.02
N GLY E 37 -20.17 20.21 27.08
CA GLY E 37 -19.32 20.66 25.99
C GLY E 37 -17.87 20.26 26.13
N LYS E 38 -17.61 19.22 26.93
CA LYS E 38 -16.25 18.88 27.32
C LYS E 38 -15.40 18.37 26.14
N TYR E 39 -16.00 17.60 25.24
CA TYR E 39 -15.26 16.93 24.16
C TYR E 39 -15.55 17.59 22.81
N PRO E 40 -14.57 18.29 22.23
CA PRO E 40 -14.84 19.01 20.96
C PRO E 40 -15.12 18.04 19.82
N GLY E 41 -16.22 18.31 19.10
CA GLY E 41 -16.69 17.43 18.06
C GLY E 41 -17.74 16.44 18.50
N LEU E 42 -17.97 16.32 19.81
CA LEU E 42 -19.00 15.45 20.37
C LEU E 42 -20.24 16.31 20.64
N VAL E 43 -21.03 16.49 19.58
CA VAL E 43 -22.16 17.42 19.61
C VAL E 43 -23.39 16.70 19.07
N TRP E 44 -24.56 17.23 19.43
CA TRP E 44 -25.78 16.73 18.85
C TRP E 44 -25.96 17.27 17.45
N GLU E 45 -26.55 16.45 16.58
CA GLU E 45 -26.86 16.91 15.22
C GLU E 45 -28.30 17.40 15.10
N ASN E 46 -29.21 16.91 15.94
CA ASN E 46 -30.61 17.31 15.91
C ASN E 46 -31.02 17.86 17.27
N GLU E 47 -32.22 18.44 17.31
CA GLU E 47 -32.77 18.91 18.57
C GLU E 47 -33.55 17.84 19.31
N GLU E 48 -33.91 16.75 18.64
CA GLU E 48 -34.60 15.64 19.26
C GLU E 48 -33.65 14.71 20.00
N LYS E 49 -32.34 14.97 19.90
CA LYS E 49 -31.30 14.28 20.66
C LYS E 49 -31.35 12.76 20.46
N SER E 50 -31.58 12.34 19.22
CA SER E 50 -31.53 10.93 18.86
C SER E 50 -30.33 10.59 18.00
N ILE E 51 -29.72 11.60 17.37
CA ILE E 51 -28.57 11.43 16.49
C ILE E 51 -27.47 12.38 16.99
N PHE E 52 -26.22 11.90 17.00
CA PHE E 52 -25.11 12.74 17.46
C PHE E 52 -23.85 12.41 16.67
N ARG E 53 -22.82 13.22 16.92
CA ARG E 53 -21.56 13.19 16.19
C ARG E 53 -20.43 12.80 17.15
N ILE E 54 -19.56 11.89 16.72
CA ILE E 54 -18.44 11.42 17.53
C ILE E 54 -17.16 11.46 16.73
N PRO E 55 -16.15 12.21 17.14
CA PRO E 55 -14.90 12.26 16.37
C PRO E 55 -14.25 10.89 16.31
N TRP E 56 -13.71 10.53 15.13
CA TRP E 56 -13.12 9.22 14.90
C TRP E 56 -11.90 9.39 14.00
N LYS E 57 -10.84 9.92 14.58
CA LYS E 57 -9.62 10.25 13.87
C LYS E 57 -8.58 9.15 14.07
N HIS E 58 -7.84 8.86 13.01
CA HIS E 58 -6.73 7.91 13.12
C HIS E 58 -5.63 8.55 13.97
N ALA E 59 -5.08 7.78 14.91
CA ALA E 59 -4.08 8.31 15.83
C ALA E 59 -2.82 8.78 15.13
N GLY E 60 -2.57 8.33 13.90
CA GLY E 60 -1.40 8.73 13.14
C GLY E 60 -1.51 10.08 12.43
N LYS E 61 -2.72 10.56 12.18
CA LYS E 61 -2.89 11.81 11.44
C LYS E 61 -2.16 12.95 12.14
N GLN E 62 -1.86 13.98 11.35
CA GLN E 62 -1.04 15.08 11.83
C GLN E 62 -1.83 16.01 12.76
N ASP E 63 -3.12 16.22 12.48
CA ASP E 63 -3.95 17.06 13.36
C ASP E 63 -4.05 16.45 14.75
N TYR E 64 -4.00 15.13 14.84
CA TYR E 64 -4.18 14.43 16.11
C TYR E 64 -3.21 14.94 17.16
N ASN E 65 -3.75 15.43 18.27
CA ASN E 65 -3.01 15.63 19.50
C ASN E 65 -3.57 14.67 20.54
N ARG E 66 -2.69 14.08 21.35
CA ARG E 66 -3.08 13.01 22.24
C ARG E 66 -4.11 13.46 23.28
N GLU E 67 -3.96 14.69 23.79
CA GLU E 67 -4.82 15.14 24.88
C GLU E 67 -6.27 15.30 24.43
N GLU E 68 -6.51 16.17 23.45
CA GLU E 68 -7.86 16.56 23.09
C GLU E 68 -8.65 15.41 22.47
N ASP E 69 -8.02 14.62 21.61
CA ASP E 69 -8.75 13.62 20.86
C ASP E 69 -8.95 12.33 21.65
N ALA E 70 -8.01 11.98 22.53
CA ALA E 70 -8.16 10.81 23.37
C ALA E 70 -8.99 11.07 24.63
N ALA E 71 -9.46 12.30 24.84
CA ALA E 71 -10.12 12.65 26.10
C ALA E 71 -11.35 11.78 26.38
N LEU E 72 -12.20 11.57 25.37
CA LEU E 72 -13.43 10.81 25.61
C LEU E 72 -13.11 9.37 25.94
N PHE E 73 -12.16 8.78 25.20
CA PHE E 73 -11.75 7.40 25.49
C PHE E 73 -11.14 7.28 26.87
N LYS E 74 -10.28 8.23 27.25
CA LYS E 74 -9.75 8.28 28.61
C LYS E 74 -10.88 8.44 29.63
N ALA E 75 -11.89 9.23 29.30
CA ALA E 75 -13.00 9.45 30.23
C ALA E 75 -13.78 8.16 30.49
N TRP E 76 -14.06 7.38 29.44
CA TRP E 76 -14.72 6.10 29.64
C TRP E 76 -13.83 5.16 30.45
N ALA E 77 -12.52 5.16 30.18
CA ALA E 77 -11.61 4.31 30.93
C ALA E 77 -11.59 4.69 32.42
N LEU E 78 -11.73 5.99 32.73
CA LEU E 78 -11.80 6.42 34.13
C LEU E 78 -13.13 6.06 34.75
N PHE E 79 -14.23 6.32 34.05
CA PHE E 79 -15.55 6.12 34.64
C PHE E 79 -15.79 4.66 34.97
N LYS E 80 -15.39 3.76 34.07
CA LYS E 80 -15.29 2.35 34.45
C LYS E 80 -13.99 2.13 35.21
N GLY E 81 -13.85 0.98 35.84
CA GLY E 81 -12.66 0.84 36.67
C GLY E 81 -11.34 0.72 35.95
N LYS E 82 -11.32 0.80 34.60
CA LYS E 82 -10.19 0.30 33.81
C LYS E 82 -8.93 1.13 33.99
N PHE E 83 -9.04 2.45 34.08
CA PHE E 83 -7.88 3.30 34.22
C PHE E 83 -7.95 4.10 35.51
N ARG E 84 -6.82 4.17 36.22
CA ARG E 84 -6.68 4.92 37.46
C ARG E 84 -5.52 5.88 37.28
N GLU E 85 -5.80 7.18 37.39
CA GLU E 85 -4.78 8.19 37.08
C GLU E 85 -3.64 8.09 38.11
N GLY E 86 -2.42 7.89 37.63
CA GLY E 86 -1.26 7.78 38.48
C GLY E 86 -0.91 6.38 38.91
N ILE E 87 -1.80 5.41 38.69
CA ILE E 87 -1.53 4.02 39.04
C ILE E 87 -1.22 3.17 37.81
N ASP E 88 -1.81 3.48 36.65
CA ASP E 88 -1.68 2.66 35.46
C ASP E 88 -1.05 3.45 34.32
N LYS E 89 -0.34 2.76 33.45
CA LYS E 89 0.24 3.41 32.28
C LYS E 89 -0.84 3.69 31.24
N PRO E 90 -0.87 4.89 30.66
CA PRO E 90 -1.93 5.21 29.69
C PRO E 90 -1.71 4.46 28.38
N ASP E 91 -2.80 3.94 27.82
CA ASP E 91 -2.76 3.29 26.51
C ASP E 91 -3.96 3.76 25.70
N PRO E 92 -3.81 4.86 24.96
CA PRO E 92 -4.96 5.44 24.23
C PRO E 92 -5.56 4.50 23.20
N PRO E 93 -4.76 3.78 22.39
CA PRO E 93 -5.40 2.82 21.47
C PRO E 93 -6.32 1.83 22.16
N THR E 94 -5.93 1.35 23.35
CA THR E 94 -6.78 0.43 24.10
C THR E 94 -8.11 1.10 24.46
N TRP E 95 -8.06 2.35 24.90
CA TRP E 95 -9.29 3.07 25.21
C TRP E 95 -10.20 3.21 23.98
N LYS E 96 -9.61 3.54 22.83
CA LYS E 96 -10.40 3.69 21.61
C LYS E 96 -11.07 2.37 21.23
N THR E 97 -10.30 1.27 21.23
CA THR E 97 -10.87 -0.03 20.89
C THR E 97 -11.97 -0.42 21.85
N ARG E 98 -11.76 -0.20 23.15
CA ARG E 98 -12.76 -0.59 24.14
C ARG E 98 -14.08 0.13 23.91
N LEU E 99 -14.01 1.44 23.66
CA LEU E 99 -15.22 2.22 23.44
C LEU E 99 -15.85 1.89 22.09
N ARG E 100 -15.03 1.68 21.06
CA ARG E 100 -15.55 1.22 19.78
C ARG E 100 -16.34 -0.08 19.93
N CYS E 101 -15.73 -1.10 20.53
CA CYS E 101 -16.41 -2.39 20.69
C CYS E 101 -17.71 -2.23 21.46
N ALA E 102 -17.72 -1.38 22.49
CA ALA E 102 -18.95 -1.14 23.23
C ALA E 102 -20.04 -0.57 22.34
N LEU E 103 -19.71 0.42 21.50
CA LEU E 103 -20.71 1.03 20.63
C LEU E 103 -21.30 0.04 19.63
N ASN E 104 -20.45 -0.75 18.97
CA ASN E 104 -20.95 -1.68 17.95
C ASN E 104 -21.96 -2.66 18.53
N LYS E 105 -21.58 -3.33 19.63
CA LYS E 105 -22.42 -4.38 20.17
C LYS E 105 -23.62 -3.83 20.93
N SER E 106 -23.60 -2.53 21.27
CA SER E 106 -24.67 -1.94 22.08
C SER E 106 -26.00 -1.96 21.33
N ASN E 107 -27.02 -2.48 22.01
CA ASN E 107 -28.40 -2.32 21.54
C ASN E 107 -28.92 -0.91 21.75
N ASP E 108 -28.24 -0.08 22.53
CA ASP E 108 -28.65 1.29 22.77
C ASP E 108 -28.21 2.25 21.67
N PHE E 109 -27.29 1.85 20.80
CA PHE E 109 -26.72 2.74 19.80
C PHE E 109 -26.64 2.05 18.45
N GLU E 110 -26.93 2.82 17.39
CA GLU E 110 -26.97 2.32 16.03
C GLU E 110 -26.27 3.36 15.15
N GLU E 111 -25.22 2.95 14.44
CA GLU E 111 -24.45 3.89 13.61
C GLU E 111 -25.20 4.22 12.32
N LEU E 112 -25.35 5.52 12.05
CA LEU E 112 -25.87 5.99 10.76
C LEU E 112 -24.69 6.12 9.81
N VAL E 113 -24.29 4.98 9.24
CA VAL E 113 -23.05 4.87 8.48
C VAL E 113 -23.08 5.70 7.20
N GLU E 114 -24.26 6.04 6.70
CA GLU E 114 -24.36 6.84 5.49
C GLU E 114 -24.07 8.32 5.74
N ARG E 115 -23.97 8.75 6.99
CA ARG E 115 -23.66 10.13 7.32
C ARG E 115 -22.28 10.30 7.94
N SER E 116 -21.59 9.21 8.24
CA SER E 116 -20.28 9.31 8.85
C SER E 116 -19.24 9.83 7.85
N GLN E 117 -18.29 10.61 8.35
CA GLN E 117 -17.23 11.23 7.56
C GLN E 117 -15.88 10.81 8.16
N LEU E 118 -15.27 9.77 7.61
CA LEU E 118 -14.01 9.27 8.15
C LEU E 118 -12.77 9.67 7.36
N ASP E 119 -12.92 10.17 6.13
CA ASP E 119 -11.78 10.54 5.30
C ASP E 119 -11.72 12.05 5.06
N ILE E 120 -12.02 12.82 6.10
CA ILE E 120 -11.87 14.26 6.10
C ILE E 120 -10.98 14.64 7.28
N SER E 121 -10.51 15.89 7.28
CA SER E 121 -9.85 16.42 8.47
C SER E 121 -10.86 16.57 9.60
N ASP E 122 -10.44 16.28 10.83
CA ASP E 122 -11.41 16.15 11.91
C ASP E 122 -12.48 15.12 11.51
N PRO E 123 -12.11 13.88 11.19
CA PRO E 123 -13.14 12.91 10.75
C PRO E 123 -14.03 12.45 11.91
N TYR E 124 -15.22 11.96 11.57
CA TYR E 124 -16.17 11.57 12.60
C TYR E 124 -17.10 10.47 12.13
N LYS E 125 -17.80 9.88 13.09
CA LYS E 125 -18.86 8.91 12.88
C LYS E 125 -20.18 9.50 13.37
N VAL E 126 -21.29 9.00 12.83
CA VAL E 126 -22.63 9.47 13.20
C VAL E 126 -23.40 8.29 13.77
N TYR E 127 -24.02 8.50 14.94
CA TYR E 127 -24.70 7.41 15.64
C TYR E 127 -26.12 7.82 16.02
N ARG E 128 -27.03 6.85 16.00
CA ARG E 128 -28.43 6.99 16.37
C ARG E 128 -28.69 6.33 17.71
N ILE E 129 -29.44 7.01 18.57
CA ILE E 129 -29.81 6.46 19.88
C ILE E 129 -31.13 5.70 19.74
N VAL E 130 -31.07 4.39 19.97
CA VAL E 130 -32.27 3.56 19.91
C VAL E 130 -33.22 3.98 21.03
N PRO E 131 -34.48 4.33 20.74
CA PRO E 131 -35.47 4.44 21.81
C PRO E 131 -35.92 3.05 22.25
N GLU E 132 -36.34 2.95 23.50
CA GLU E 132 -36.67 1.66 24.10
C GLU E 132 -37.92 1.02 23.52
#